data_1CB3
#
_entry.id   1CB3
#
_cell.length_a   1.000
_cell.length_b   1.000
_cell.length_c   1.000
_cell.angle_alpha   90.00
_cell.angle_beta   90.00
_cell.angle_gamma   90.00
#
_symmetry.space_group_name_H-M   'P 1'
#
_entity_poly.entity_id   1
_entity_poly.type   'polypeptide(L)'
_entity_poly.pdbx_seq_one_letter_code
;(ACE)IDYWLAHKALA(NH2)
;
_entity_poly.pdbx_strand_id   A
#
# COMPACT_ATOMS: atom_id res chain seq x y z
N ILE A 2 0.80 -3.39 -8.98
CA ILE A 2 0.73 -2.78 -7.62
C ILE A 2 -0.02 -1.46 -7.69
N ASP A 3 0.65 -0.41 -8.10
CA ASP A 3 0.00 0.92 -8.18
C ASP A 3 -0.47 1.37 -6.80
N TYR A 4 -1.49 0.73 -6.29
CA TYR A 4 -2.00 1.12 -4.95
C TYR A 4 -1.09 0.63 -3.82
N TRP A 5 -0.77 -0.65 -3.76
CA TRP A 5 0.12 -1.22 -2.67
C TRP A 5 0.88 -0.11 -1.95
N LEU A 6 1.60 0.69 -2.69
CA LEU A 6 2.37 1.81 -2.11
C LEU A 6 1.62 2.44 -0.92
N ALA A 7 0.39 2.85 -1.13
CA ALA A 7 -0.38 3.48 -0.02
C ALA A 7 -1.17 2.42 0.77
N HIS A 8 -0.96 1.17 0.49
CA HIS A 8 -1.72 0.11 1.22
C HIS A 8 -0.75 -0.86 1.89
N LYS A 9 0.02 -1.58 1.13
CA LYS A 9 0.98 -2.55 1.73
C LYS A 9 0.24 -3.58 2.58
N ALA A 10 0.74 -4.78 2.65
CA ALA A 10 0.07 -5.83 3.47
C ALA A 10 0.01 -5.40 4.93
N LEU A 11 0.94 -4.58 5.35
CA LEU A 11 0.97 -4.09 6.77
C LEU A 11 0.48 -5.18 7.73
N ALA A 12 -0.01 -4.80 8.88
CA ALA A 12 -0.49 -5.81 9.86
C ALA A 12 -0.77 -5.15 11.22
N ILE A 2 0.75 -3.45 -8.92
CA ILE A 2 0.71 -2.83 -7.58
C ILE A 2 -0.04 -1.49 -7.67
N ASP A 3 0.65 -0.45 -8.06
CA ASP A 3 0.01 0.89 -8.17
C ASP A 3 -0.47 1.34 -6.79
N TYR A 4 -1.47 0.70 -6.26
CA TYR A 4 -2.00 1.10 -4.93
C TYR A 4 -1.08 0.64 -3.79
N TRP A 5 -0.75 -0.64 -3.71
CA TRP A 5 0.14 -1.18 -2.61
C TRP A 5 0.90 -0.05 -1.90
N LEU A 6 1.61 0.73 -2.66
CA LEU A 6 2.38 1.87 -2.09
C LEU A 6 1.62 2.53 -0.92
N ALA A 7 0.38 2.90 -1.14
CA ALA A 7 -0.40 3.56 -0.05
C ALA A 7 -1.16 2.52 0.79
N HIS A 8 -0.92 1.26 0.55
CA HIS A 8 -1.65 0.22 1.33
C HIS A 8 -0.66 -0.69 2.05
N LYS A 9 0.51 -0.20 2.35
CA LYS A 9 1.53 -1.04 3.06
C LYS A 9 1.74 -0.54 4.48
N ALA A 10 2.92 -0.67 5.00
CA ALA A 10 3.19 -0.20 6.39
C ALA A 10 2.57 1.19 6.60
N LEU A 11 2.41 1.95 5.55
CA LEU A 11 1.81 3.30 5.69
C LEU A 11 0.44 3.21 6.37
N ALA A 12 -0.25 2.12 6.17
CA ALA A 12 -1.59 1.98 6.81
C ALA A 12 -1.49 1.11 8.07
N ILE A 2 0.84 -3.32 -8.95
CA ILE A 2 0.75 -2.75 -7.58
C ILE A 2 0.02 -1.39 -7.64
N ASP A 3 0.73 -0.36 -7.98
CA ASP A 3 0.13 1.00 -8.04
C ASP A 3 -0.43 1.40 -6.68
N TYR A 4 -1.46 0.75 -6.23
CA TYR A 4 -2.05 1.10 -4.92
C TYR A 4 -1.17 0.57 -3.77
N TRP A 5 -0.82 -0.70 -3.76
CA TRP A 5 0.04 -1.27 -2.66
C TRP A 5 0.84 -0.16 -1.99
N LEU A 6 1.50 0.63 -2.79
CA LEU A 6 2.30 1.76 -2.27
C LEU A 6 1.60 2.43 -1.08
N ALA A 7 0.35 2.80 -1.25
CA ALA A 7 -0.39 3.47 -0.14
C ALA A 7 -1.12 2.44 0.74
N HIS A 8 -0.98 1.18 0.44
CA HIS A 8 -1.69 0.15 1.24
C HIS A 8 -0.69 -0.78 1.95
N LYS A 9 0.26 -1.30 1.22
CA LYS A 9 1.26 -2.21 1.85
C LYS A 9 0.56 -3.19 2.79
N ALA A 10 1.16 -3.49 3.89
CA ALA A 10 0.54 -4.44 4.86
C ALA A 10 -0.93 -4.06 5.11
N LEU A 11 -1.24 -2.79 5.04
CA LEU A 11 -2.65 -2.36 5.26
C LEU A 11 -3.14 -2.85 6.63
N ALA A 12 -3.37 -1.95 7.55
CA ALA A 12 -3.85 -2.36 8.90
C ALA A 12 -5.35 -2.07 9.04
N ILE A 2 0.82 -3.39 -9.09
CA ILE A 2 0.70 -2.79 -7.73
C ILE A 2 0.03 -1.42 -7.83
N ASP A 3 0.77 -0.41 -8.17
CA ASP A 3 0.18 0.95 -8.27
C ASP A 3 -0.35 1.40 -6.91
N TYR A 4 -1.41 0.79 -6.44
CA TYR A 4 -1.98 1.20 -5.13
C TYR A 4 -1.14 0.68 -3.96
N TRP A 5 -0.91 -0.63 -3.88
CA TRP A 5 -0.11 -1.24 -2.76
C TRP A 5 0.66 -0.18 -1.98
N LEU A 6 1.48 0.57 -2.67
CA LEU A 6 2.29 1.64 -2.02
C LEU A 6 1.53 2.29 -0.85
N ALA A 7 0.31 2.70 -1.07
CA ALA A 7 -0.46 3.35 0.04
C ALA A 7 -1.26 2.34 0.86
N HIS A 8 -0.88 1.09 0.85
CA HIS A 8 -1.64 0.07 1.65
C HIS A 8 -0.69 -0.73 2.54
N LYS A 9 -0.88 -2.02 2.62
CA LYS A 9 0.00 -2.86 3.47
C LYS A 9 -0.22 -2.52 4.95
N ALA A 10 0.82 -2.54 5.72
CA ALA A 10 0.69 -2.22 7.17
C ALA A 10 0.04 -0.83 7.34
N LEU A 11 0.13 -0.26 8.52
CA LEU A 11 -0.47 1.07 8.75
C LEU A 11 -1.96 1.04 8.39
N ALA A 12 -2.83 0.99 9.37
CA ALA A 12 -4.29 0.96 9.07
C ALA A 12 -4.57 0.02 7.89
N ILE A 2 0.87 -3.37 -9.09
CA ILE A 2 0.72 -2.77 -7.73
C ILE A 2 0.04 -1.41 -7.84
N ASP A 3 0.79 -0.40 -8.16
CA ASP A 3 0.21 0.97 -8.27
C ASP A 3 -0.35 1.41 -6.92
N TYR A 4 -1.41 0.81 -6.48
CA TYR A 4 -1.99 1.21 -5.17
C TYR A 4 -1.17 0.68 -3.99
N TRP A 5 -0.95 -0.62 -3.91
CA TRP A 5 -0.16 -1.23 -2.78
C TRP A 5 0.64 -0.18 -2.01
N LEU A 6 1.45 0.56 -2.72
CA LEU A 6 2.28 1.62 -2.09
C LEU A 6 1.52 2.31 -0.95
N ALA A 7 0.28 2.64 -1.15
CA ALA A 7 -0.49 3.34 -0.07
C ALA A 7 -1.22 2.34 0.84
N HIS A 8 -0.77 1.11 0.89
CA HIS A 8 -1.46 0.11 1.76
C HIS A 8 -0.43 -0.67 2.57
N LYS A 9 0.35 -1.49 1.93
CA LYS A 9 1.38 -2.28 2.66
C LYS A 9 0.75 -3.00 3.86
N ALA A 10 1.51 -3.79 4.54
CA ALA A 10 0.97 -4.53 5.72
C ALA A 10 1.06 -3.65 6.97
N LEU A 11 1.24 -2.36 6.80
CA LEU A 11 1.34 -1.45 7.97
C LEU A 11 0.07 -1.54 8.82
N ALA A 12 0.23 -1.82 10.09
CA ALA A 12 -0.97 -1.92 10.97
C ALA A 12 -0.55 -2.19 12.42
N ILE A 2 0.77 -3.44 -8.96
CA ILE A 2 0.71 -2.80 -7.62
C ILE A 2 -0.04 -1.47 -7.70
N ASP A 3 0.65 -0.43 -8.09
CA ASP A 3 0.01 0.90 -8.17
C ASP A 3 -0.48 1.35 -6.79
N TYR A 4 -1.48 0.70 -6.26
CA TYR A 4 -2.01 1.09 -4.93
C TYR A 4 -1.08 0.62 -3.79
N TRP A 5 -0.75 -0.66 -3.73
CA TRP A 5 0.14 -1.19 -2.63
C TRP A 5 0.90 -0.07 -1.92
N LEU A 6 1.61 0.72 -2.67
CA LEU A 6 2.40 1.85 -2.08
C LEU A 6 1.63 2.51 -0.94
N ALA A 7 0.39 2.88 -1.16
CA ALA A 7 -0.39 3.54 -0.07
C ALA A 7 -1.16 2.50 0.76
N HIS A 8 -0.91 1.24 0.55
CA HIS A 8 -1.64 0.20 1.32
C HIS A 8 -0.64 -0.71 2.05
N LYS A 9 0.62 -0.38 1.99
CA LYS A 9 1.64 -1.22 2.69
C LYS A 9 2.12 -0.51 3.96
N ALA A 10 3.30 -0.82 4.41
CA ALA A 10 3.82 -0.17 5.65
C ALA A 10 3.62 1.35 5.57
N LEU A 11 2.55 1.85 6.11
CA LEU A 11 2.30 3.32 6.06
C LEU A 11 1.15 3.69 6.99
N ALA A 12 1.45 4.34 8.09
CA ALA A 12 0.37 4.73 9.05
C ALA A 12 -0.18 6.12 8.68
N ILE A 2 0.73 -3.48 -9.05
CA ILE A 2 0.74 -2.81 -7.73
C ILE A 2 0.03 -1.45 -7.83
N ASP A 3 0.76 -0.43 -8.14
CA ASP A 3 0.17 0.93 -8.25
C ASP A 3 -0.35 1.39 -6.89
N TYR A 4 -1.41 0.79 -6.43
CA TYR A 4 -1.96 1.21 -5.12
C TYR A 4 -1.13 0.69 -3.94
N TRP A 5 -0.90 -0.61 -3.86
CA TRP A 5 -0.10 -1.21 -2.73
C TRP A 5 0.68 -0.15 -1.96
N LEU A 6 1.47 0.62 -2.65
CA LEU A 6 2.28 1.69 -2.02
C LEU A 6 1.54 2.33 -0.84
N ALA A 7 0.31 2.75 -1.04
CA ALA A 7 -0.45 3.39 0.08
C ALA A 7 -1.26 2.35 0.89
N HIS A 8 -0.91 1.10 0.80
CA HIS A 8 -1.67 0.06 1.55
C HIS A 8 -0.72 -0.80 2.38
N LYS A 9 -0.93 -2.09 2.40
CA LYS A 9 -0.03 -2.99 3.18
C LYS A 9 -0.15 -2.68 4.67
N ALA A 10 0.48 -3.48 5.49
CA ALA A 10 0.41 -3.24 6.97
C ALA A 10 0.51 -1.75 7.28
N LEU A 11 1.16 -0.99 6.43
CA LEU A 11 1.28 0.47 6.67
C LEU A 11 0.01 1.19 6.22
N ALA A 12 -1.13 0.75 6.69
CA ALA A 12 -2.40 1.41 6.30
C ALA A 12 -2.30 2.93 6.49
N ILE A 2 0.81 -3.46 -8.93
CA ILE A 2 0.73 -2.82 -7.58
C ILE A 2 -0.01 -1.48 -7.69
N ASP A 3 0.68 -0.46 -8.11
CA ASP A 3 0.04 0.88 -8.24
C ASP A 3 -0.45 1.36 -6.86
N TYR A 4 -1.47 0.73 -6.35
CA TYR A 4 -2.01 1.15 -5.03
C TYR A 4 -1.11 0.68 -3.87
N TRP A 5 -0.82 -0.61 -3.78
CA TRP A 5 0.04 -1.16 -2.67
C TRP A 5 0.81 -0.06 -1.95
N LEU A 6 1.55 0.72 -2.70
CA LEU A 6 2.35 1.84 -2.11
C LEU A 6 1.61 2.49 -0.93
N ALA A 7 0.37 2.88 -1.12
CA ALA A 7 -0.39 3.52 -0.01
C ALA A 7 -1.16 2.49 0.83
N HIS A 8 -0.83 1.23 0.70
CA HIS A 8 -1.56 0.19 1.48
C HIS A 8 -0.57 -0.67 2.27
N LYS A 9 0.64 -0.21 2.45
CA LYS A 9 1.63 -1.01 3.20
C LYS A 9 1.52 -0.71 4.69
N ALA A 10 0.43 -0.15 5.11
CA ALA A 10 0.24 0.18 6.55
C ALA A 10 -0.41 -1.01 7.27
N LEU A 11 -1.59 -1.39 6.86
CA LEU A 11 -2.28 -2.54 7.51
C LEU A 11 -1.32 -3.72 7.66
N ALA A 12 -0.86 -4.26 6.56
CA ALA A 12 0.07 -5.42 6.65
C ALA A 12 1.43 -4.96 7.20
N ILE A 2 0.79 -3.26 -9.08
CA ILE A 2 0.75 -2.69 -7.70
C ILE A 2 -0.03 -1.38 -7.70
N ASP A 3 0.59 -0.31 -8.09
CA ASP A 3 -0.09 1.01 -8.10
C ASP A 3 -0.54 1.39 -6.69
N TYR A 4 -1.52 0.70 -6.17
CA TYR A 4 -2.01 1.02 -4.81
C TYR A 4 -1.05 0.51 -3.72
N TRP A 5 -0.68 -0.75 -3.73
CA TRP A 5 0.25 -1.32 -2.68
C TRP A 5 1.00 -0.21 -1.94
N LEU A 6 1.71 0.60 -2.67
CA LEU A 6 2.47 1.71 -2.06
C LEU A 6 1.65 2.41 -0.96
N ALA A 7 0.42 2.76 -1.24
CA ALA A 7 -0.40 3.45 -0.20
C ALA A 7 -1.20 2.45 0.63
N HIS A 8 -1.06 1.18 0.38
CA HIS A 8 -1.83 0.17 1.17
C HIS A 8 -0.89 -0.77 1.91
N LYS A 9 -0.20 -1.63 1.21
CA LYS A 9 0.72 -2.57 1.89
C LYS A 9 0.06 -3.15 3.15
N ALA A 10 0.83 -3.34 4.18
CA ALA A 10 0.25 -3.89 5.44
C ALA A 10 -0.49 -2.80 6.20
N LEU A 11 0.14 -1.68 6.43
CA LEU A 11 -0.53 -0.58 7.18
C LEU A 11 -1.93 -0.32 6.59
N ALA A 12 -2.92 -0.20 7.43
CA ALA A 12 -4.30 0.04 6.92
C ALA A 12 -5.31 -0.01 8.08
N ILE A 2 0.83 -3.39 -9.05
CA ILE A 2 0.70 -2.80 -7.69
C ILE A 2 0.02 -1.43 -7.79
N ASP A 3 0.78 -0.42 -8.13
CA ASP A 3 0.20 0.95 -8.25
C ASP A 3 -0.34 1.40 -6.89
N TYR A 4 -1.40 0.81 -6.44
CA TYR A 4 -1.97 1.22 -5.13
C TYR A 4 -1.15 0.68 -3.95
N TRP A 5 -0.93 -0.62 -3.87
CA TRP A 5 -0.14 -1.24 -2.74
C TRP A 5 0.65 -0.18 -1.96
N LEU A 6 1.46 0.56 -2.66
CA LEU A 6 2.28 1.63 -2.01
C LEU A 6 1.52 2.30 -0.85
N ALA A 7 0.30 2.69 -1.07
CA ALA A 7 -0.48 3.36 0.02
C ALA A 7 -1.27 2.35 0.86
N HIS A 8 -0.90 1.10 0.83
CA HIS A 8 -1.66 0.09 1.63
C HIS A 8 -0.68 -0.76 2.44
N LYS A 9 -0.95 -2.02 2.59
CA LYS A 9 -0.04 -2.91 3.36
C LYS A 9 0.03 -2.44 4.82
N ALA A 10 0.67 -3.21 5.66
CA ALA A 10 0.78 -2.82 7.09
C ALA A 10 1.07 -1.32 7.22
N LEU A 11 0.53 -0.69 8.23
CA LEU A 11 0.76 0.77 8.40
C LEU A 11 0.07 1.28 9.66
N ALA A 12 0.84 1.73 10.63
CA ALA A 12 0.22 2.23 11.90
C ALA A 12 1.17 3.21 12.59
N ILE A 2 0.75 -3.39 -8.97
CA ILE A 2 0.72 -2.77 -7.60
C ILE A 2 -0.05 -1.45 -7.66
N ASP A 3 0.60 -0.40 -8.05
CA ASP A 3 -0.08 0.93 -8.11
C ASP A 3 -0.53 1.35 -6.71
N TYR A 4 -1.50 0.68 -6.18
CA TYR A 4 -2.00 1.05 -4.82
C TYR A 4 -1.04 0.58 -3.70
N TRP A 5 -0.67 -0.69 -3.67
CA TRP A 5 0.26 -1.23 -2.61
C TRP A 5 1.00 -0.08 -1.91
N LEU A 6 1.68 0.72 -2.67
CA LEU A 6 2.44 1.87 -2.10
C LEU A 6 1.66 2.53 -0.96
N ALA A 7 0.43 2.89 -1.20
CA ALA A 7 -0.38 3.55 -0.13
C ALA A 7 -1.15 2.52 0.70
N HIS A 8 -1.00 1.25 0.40
CA HIS A 8 -1.75 0.22 1.18
C HIS A 8 -0.76 -0.75 1.85
N LYS A 9 0.51 -0.55 1.63
CA LYS A 9 1.53 -1.46 2.24
C LYS A 9 1.47 -1.35 3.78
N ALA A 10 2.48 -1.82 4.45
CA ALA A 10 2.49 -1.75 5.93
C ALA A 10 2.75 -0.31 6.39
N LEU A 11 1.74 0.37 6.85
CA LEU A 11 1.93 1.78 7.30
C LEU A 11 1.08 2.05 8.55
N ALA A 12 1.10 3.26 9.04
CA ALA A 12 0.29 3.59 10.26
C ALA A 12 0.64 2.63 11.39
N ILE A 2 0.76 -3.18 -9.21
CA ILE A 2 0.72 -2.65 -7.81
C ILE A 2 -0.03 -1.32 -7.78
N ASP A 3 0.65 -0.25 -8.07
CA ASP A 3 -0.01 1.08 -8.05
C ASP A 3 -0.49 1.41 -6.64
N TYR A 4 -1.47 0.69 -6.16
CA TYR A 4 -2.00 0.94 -4.80
C TYR A 4 -1.06 0.41 -3.70
N TRP A 5 -0.67 -0.84 -3.76
CA TRP A 5 0.25 -1.43 -2.71
C TRP A 5 0.99 -0.34 -1.93
N LEU A 6 1.66 0.53 -2.65
CA LEU A 6 2.42 1.64 -2.00
C LEU A 6 1.57 2.36 -0.95
N ALA A 7 0.39 2.77 -1.29
CA ALA A 7 -0.47 3.50 -0.31
C ALA A 7 -1.22 2.51 0.60
N HIS A 8 -1.05 1.24 0.38
CA HIS A 8 -1.77 0.24 1.23
C HIS A 8 -0.78 -0.62 2.01
N LYS A 9 -0.09 -1.51 1.35
CA LYS A 9 0.90 -2.37 2.05
C LYS A 9 0.32 -2.84 3.39
N ALA A 10 1.18 -3.22 4.29
CA ALA A 10 0.70 -3.69 5.62
C ALA A 10 0.54 -2.50 6.57
N LEU A 11 1.60 -1.77 6.81
CA LEU A 11 1.51 -0.60 7.72
C LEU A 11 0.96 -1.02 9.09
N ALA A 12 -0.33 -1.03 9.25
CA ALA A 12 -0.92 -1.43 10.56
C ALA A 12 -0.47 -0.48 11.66
N ILE A 2 0.80 -3.14 -9.08
CA ILE A 2 0.73 -2.65 -7.68
C ILE A 2 0.00 -1.30 -7.63
N ASP A 3 0.71 -0.25 -7.92
CA ASP A 3 0.09 1.11 -7.89
C ASP A 3 -0.43 1.43 -6.49
N TYR A 4 -1.46 0.74 -6.07
CA TYR A 4 -2.02 1.01 -4.72
C TYR A 4 -1.13 0.41 -3.62
N TRP A 5 -0.72 -0.84 -3.74
CA TRP A 5 0.15 -1.46 -2.67
C TRP A 5 0.98 -0.39 -1.97
N LEU A 6 1.52 0.51 -2.75
CA LEU A 6 2.33 1.63 -2.18
C LEU A 6 1.57 2.35 -1.06
N ALA A 7 0.35 2.74 -1.32
CA ALA A 7 -0.44 3.46 -0.28
C ALA A 7 -1.24 2.50 0.60
N HIS A 8 -1.19 1.22 0.32
CA HIS A 8 -1.99 0.26 1.14
C HIS A 8 -1.06 -0.69 1.90
N LYS A 9 -1.40 -1.96 1.96
CA LYS A 9 -0.56 -2.92 2.71
C LYS A 9 -0.55 -2.58 4.19
N ALA A 10 0.00 -3.44 5.01
CA ALA A 10 0.04 -3.16 6.47
C ALA A 10 0.41 -1.69 6.71
N LEU A 11 1.13 -1.09 5.80
CA LEU A 11 1.52 0.34 5.99
C LEU A 11 0.32 1.17 6.42
N ALA A 12 -0.81 0.96 5.80
CA ALA A 12 -2.03 1.74 6.18
C ALA A 12 -3.25 0.82 6.26
N ILE A 2 0.82 -3.44 -8.94
CA ILE A 2 0.72 -2.82 -7.59
C ILE A 2 -0.01 -1.48 -7.69
N ASP A 3 0.69 -0.46 -8.12
CA ASP A 3 0.05 0.89 -8.24
C ASP A 3 -0.44 1.36 -6.86
N TYR A 4 -1.47 0.75 -6.36
CA TYR A 4 -2.00 1.17 -5.03
C TYR A 4 -1.11 0.68 -3.88
N TRP A 5 -0.82 -0.60 -3.81
CA TRP A 5 0.04 -1.17 -2.69
C TRP A 5 0.82 -0.06 -1.97
N LEU A 6 1.54 0.72 -2.72
CA LEU A 6 2.34 1.83 -2.13
C LEU A 6 1.60 2.48 -0.94
N ALA A 7 0.37 2.86 -1.13
CA ALA A 7 -0.40 3.50 -0.01
C ALA A 7 -1.15 2.45 0.83
N HIS A 8 -0.85 1.20 0.65
CA HIS A 8 -1.56 0.14 1.43
C HIS A 8 -0.55 -0.73 2.18
N LYS A 9 0.70 -0.64 1.84
CA LYS A 9 1.72 -1.48 2.53
C LYS A 9 2.36 -0.68 3.68
N ALA A 10 3.47 -1.14 4.18
CA ALA A 10 4.14 -0.41 5.30
C ALA A 10 4.60 0.97 4.83
N LEU A 11 3.72 1.92 4.79
CA LEU A 11 4.10 3.28 4.35
C LEU A 11 4.10 4.25 5.54
N ALA A 12 2.99 4.39 6.21
CA ALA A 12 2.94 5.30 7.38
C ALA A 12 3.01 4.51 8.68
N ILE A 2 0.91 -3.27 -9.16
CA ILE A 2 0.84 -2.70 -7.79
C ILE A 2 0.04 -1.40 -7.81
N ASP A 3 0.65 -0.33 -8.23
CA ASP A 3 -0.05 0.98 -8.27
C ASP A 3 -0.52 1.37 -6.87
N TYR A 4 -1.50 0.70 -6.36
CA TYR A 4 -2.03 1.05 -5.01
C TYR A 4 -1.11 0.55 -3.88
N TRP A 5 -0.58 -0.65 -3.98
CA TRP A 5 0.32 -1.19 -2.89
C TRP A 5 1.07 -0.05 -2.22
N LEU A 6 1.51 0.91 -2.99
CA LEU A 6 2.25 2.08 -2.42
C LEU A 6 1.63 2.45 -1.07
N ALA A 7 0.35 2.71 -1.04
CA ALA A 7 -0.31 3.03 0.25
C ALA A 7 -0.81 1.74 0.89
N HIS A 8 -2.06 1.68 1.29
CA HIS A 8 -2.60 0.42 1.89
C HIS A 8 -1.54 -0.21 2.82
N LYS A 9 -1.09 -1.41 2.53
CA LYS A 9 -0.09 -2.07 3.39
C LYS A 9 -0.60 -2.18 4.83
N ALA A 10 0.28 -2.42 5.75
CA ALA A 10 -0.14 -2.55 7.18
C ALA A 10 -1.19 -1.48 7.52
N LEU A 11 -1.00 -0.28 7.06
CA LEU A 11 -1.98 0.79 7.36
C LEU A 11 -2.38 0.74 8.83
N ALA A 12 -1.63 1.39 9.68
CA ALA A 12 -1.97 1.38 11.13
C ALA A 12 -3.27 2.16 11.38
N ILE A 2 0.86 -3.39 -8.95
CA ILE A 2 0.73 -2.79 -7.59
C ILE A 2 0.03 -1.44 -7.69
N ASP A 3 0.76 -0.43 -8.09
CA ASP A 3 0.16 0.93 -8.21
C ASP A 3 -0.36 1.39 -6.85
N TYR A 4 -1.43 0.82 -6.39
CA TYR A 4 -1.99 1.23 -5.08
C TYR A 4 -1.17 0.69 -3.90
N TRP A 5 -0.93 -0.60 -3.84
CA TRP A 5 -0.13 -1.22 -2.71
C TRP A 5 0.67 -0.17 -1.95
N LEU A 6 1.45 0.59 -2.68
CA LEU A 6 2.29 1.66 -2.05
C LEU A 6 1.54 2.33 -0.88
N ALA A 7 0.31 2.73 -1.08
CA ALA A 7 -0.44 3.39 0.02
C ALA A 7 -1.24 2.37 0.85
N HIS A 8 -0.98 1.11 0.67
CA HIS A 8 -1.74 0.09 1.45
C HIS A 8 -0.76 -0.84 2.19
N LYS A 9 -1.09 -2.10 2.30
CA LYS A 9 -0.19 -3.05 3.00
C LYS A 9 0.40 -2.40 4.25
N ALA A 10 1.65 -2.65 4.52
CA ALA A 10 2.30 -2.06 5.72
C ALA A 10 2.14 -0.53 5.70
N LEU A 11 1.77 0.05 6.81
CA LEU A 11 1.61 1.53 6.86
C LEU A 11 1.67 2.02 8.30
N ALA A 12 0.80 1.53 9.14
CA ALA A 12 0.82 1.97 10.57
C ALA A 12 0.86 0.76 11.51
N ILE A 2 1.00 -3.27 -9.11
CA ILE A 2 0.87 -2.72 -7.75
C ILE A 2 0.09 -1.40 -7.81
N ASP A 3 0.75 -0.34 -8.18
CA ASP A 3 0.08 0.98 -8.26
C ASP A 3 -0.46 1.39 -6.89
N TYR A 4 -1.48 0.74 -6.43
CA TYR A 4 -2.05 1.10 -5.11
C TYR A 4 -1.19 0.59 -3.95
N TRP A 5 -0.72 -0.64 -4.00
CA TRP A 5 0.12 -1.19 -2.88
C TRP A 5 0.90 -0.07 -2.21
N LEU A 6 1.40 0.85 -3.00
CA LEU A 6 2.18 2.00 -2.45
C LEU A 6 1.59 2.42 -1.10
N ALA A 7 0.31 2.63 -1.05
CA ALA A 7 -0.33 3.01 0.24
C ALA A 7 -0.79 1.72 0.95
N HIS A 8 -2.03 1.64 1.36
CA HIS A 8 -2.53 0.40 2.04
C HIS A 8 -1.42 -0.22 2.91
N LYS A 9 -1.14 -1.48 2.74
CA LYS A 9 -0.07 -2.12 3.56
C LYS A 9 -0.41 -2.02 5.04
N ALA A 10 0.28 -2.78 5.87
CA ALA A 10 0.00 -2.73 7.32
C ALA A 10 0.35 -1.34 7.88
N LEU A 11 -0.42 -0.34 7.52
CA LEU A 11 -0.14 1.03 8.03
C LEU A 11 -1.13 1.41 9.13
N ALA A 12 -1.94 0.47 9.56
CA ALA A 12 -2.93 0.77 10.62
C ALA A 12 -3.31 -0.51 11.37
N ILE A 2 0.80 -3.37 -8.99
CA ILE A 2 0.72 -2.77 -7.64
C ILE A 2 -0.01 -1.43 -7.71
N ASP A 3 0.69 -0.40 -8.10
CA ASP A 3 0.07 0.95 -8.18
C ASP A 3 -0.43 1.38 -6.81
N TYR A 4 -1.46 0.77 -6.31
CA TYR A 4 -2.00 1.15 -4.99
C TYR A 4 -1.11 0.63 -3.84
N TRP A 5 -0.82 -0.66 -3.79
CA TRP A 5 0.03 -1.24 -2.69
C TRP A 5 0.80 -0.16 -1.94
N LEU A 6 1.56 0.63 -2.67
CA LEU A 6 2.35 1.73 -2.04
C LEU A 6 1.59 2.37 -0.88
N ALA A 7 0.37 2.79 -1.10
CA ALA A 7 -0.42 3.43 0.00
C ALA A 7 -1.22 2.39 0.78
N HIS A 8 -1.01 1.12 0.53
CA HIS A 8 -1.77 0.08 1.26
C HIS A 8 -0.82 -0.86 2.01
N LYS A 9 -0.81 -2.12 1.67
CA LYS A 9 0.10 -3.07 2.36
C LYS A 9 -0.32 -3.21 3.83
N ALA A 10 0.62 -3.34 4.71
CA ALA A 10 0.29 -3.48 6.16
C ALA A 10 -0.54 -2.29 6.62
N LEU A 11 -0.39 -1.16 6.00
CA LEU A 11 -1.17 0.04 6.41
C LEU A 11 -2.59 -0.03 5.85
N ALA A 12 -2.78 -0.76 4.78
CA ALA A 12 -4.14 -0.87 4.18
C ALA A 12 -4.62 0.50 3.71
N ILE A 2 0.78 -3.47 -9.08
CA ILE A 2 0.77 -2.79 -7.76
C ILE A 2 0.04 -1.45 -7.86
N ASP A 3 0.76 -0.41 -8.18
CA ASP A 3 0.16 0.94 -8.29
C ASP A 3 -0.38 1.39 -6.93
N TYR A 4 -1.43 0.78 -6.46
CA TYR A 4 -1.99 1.20 -5.15
C TYR A 4 -1.14 0.69 -3.98
N TRP A 5 -0.91 -0.60 -3.88
CA TRP A 5 -0.09 -1.19 -2.75
C TRP A 5 0.69 -0.12 -2.00
N LEU A 6 1.49 0.62 -2.71
CA LEU A 6 2.31 1.69 -2.09
C LEU A 6 1.55 2.39 -0.94
N ALA A 7 0.31 2.71 -1.14
CA ALA A 7 -0.47 3.40 -0.05
C ALA A 7 -1.19 2.39 0.86
N HIS A 8 -0.74 1.16 0.90
CA HIS A 8 -1.43 0.16 1.77
C HIS A 8 -0.41 -0.63 2.60
N LYS A 9 0.79 -0.79 2.10
CA LYS A 9 1.83 -1.54 2.86
C LYS A 9 2.02 -0.94 4.25
N ALA A 10 3.10 -1.26 4.90
CA ALA A 10 3.35 -0.70 6.26
C ALA A 10 3.61 0.80 6.17
N LEU A 11 2.67 1.55 5.65
CA LEU A 11 2.88 3.02 5.55
C LEU A 11 2.04 3.76 6.61
N ALA A 12 1.40 3.02 7.47
CA ALA A 12 0.57 3.68 8.54
C ALA A 12 -0.22 2.62 9.32
N ILE A 2 0.82 -3.41 -9.00
CA ILE A 2 0.71 -2.80 -7.65
C ILE A 2 0.02 -1.44 -7.75
N ASP A 3 0.76 -0.44 -8.13
CA ASP A 3 0.18 0.92 -8.24
C ASP A 3 -0.35 1.40 -6.88
N TYR A 4 -1.41 0.81 -6.43
CA TYR A 4 -1.98 1.24 -5.11
C TYR A 4 -1.15 0.70 -3.94
N TRP A 5 -0.93 -0.61 -3.86
CA TRP A 5 -0.13 -1.22 -2.73
C TRP A 5 0.66 -0.16 -1.96
N LEU A 6 1.46 0.59 -2.67
CA LEU A 6 2.27 1.66 -2.02
C LEU A 6 1.53 2.31 -0.85
N ALA A 7 0.31 2.73 -1.06
CA ALA A 7 -0.46 3.39 0.05
C ALA A 7 -1.26 2.36 0.86
N HIS A 8 -0.92 1.10 0.77
CA HIS A 8 -1.68 0.07 1.54
C HIS A 8 -0.72 -0.80 2.35
N LYS A 9 -1.05 -2.04 2.53
CA LYS A 9 -0.17 -2.95 3.33
C LYS A 9 -0.10 -2.49 4.78
N ALA A 10 -0.92 -1.54 5.14
CA ALA A 10 -0.94 -1.05 6.54
C ALA A 10 -1.95 -1.86 7.35
N LEU A 11 -3.06 -2.17 6.75
CA LEU A 11 -4.11 -2.95 7.46
C LEU A 11 -3.89 -4.45 7.23
N ALA A 12 -3.26 -4.81 6.16
CA ALA A 12 -3.01 -6.25 5.87
C ALA A 12 -2.06 -6.84 6.91
N ILE A 2 0.85 -3.50 -8.83
CA ILE A 2 0.72 -2.87 -7.50
C ILE A 2 0.02 -1.51 -7.66
N ASP A 3 0.76 -0.52 -8.08
CA ASP A 3 0.17 0.84 -8.25
C ASP A 3 -0.35 1.36 -6.91
N TYR A 4 -1.43 0.80 -6.43
CA TYR A 4 -1.99 1.28 -5.13
C TYR A 4 -1.17 0.77 -3.94
N TRP A 5 -0.95 -0.53 -3.82
CA TRP A 5 -0.17 -1.12 -2.67
C TRP A 5 0.65 -0.06 -1.95
N LEU A 6 1.45 0.67 -2.68
CA LEU A 6 2.29 1.74 -2.08
C LEU A 6 1.54 2.45 -0.92
N ALA A 7 0.29 2.77 -1.12
CA ALA A 7 -0.47 3.48 -0.04
C ALA A 7 -1.18 2.48 0.89
N HIS A 8 -0.79 1.24 0.89
CA HIS A 8 -1.45 0.24 1.78
C HIS A 8 -0.41 -0.69 2.40
N LYS A 9 0.50 -0.14 3.15
CA LYS A 9 1.55 -1.00 3.79
C LYS A 9 1.30 -1.13 5.29
N ALA A 10 2.32 -1.45 6.05
CA ALA A 10 2.14 -1.59 7.51
C ALA A 10 1.74 -0.25 8.13
N LEU A 11 0.51 -0.12 8.54
CA LEU A 11 0.07 1.18 9.13
C LEU A 11 -1.23 0.97 9.93
N ALA A 12 -1.65 1.97 10.66
CA ALA A 12 -2.90 1.83 11.47
C ALA A 12 -2.80 0.62 12.39
N ILE A 2 0.86 -3.35 -9.15
CA ILE A 2 0.74 -2.76 -7.78
C ILE A 2 0.03 -1.41 -7.87
N ASP A 3 0.75 -0.38 -8.20
CA ASP A 3 0.14 0.97 -8.29
C ASP A 3 -0.39 1.40 -6.93
N TYR A 4 -1.43 0.78 -6.46
CA TYR A 4 -1.99 1.16 -5.14
C TYR A 4 -1.14 0.65 -3.98
N TRP A 5 -0.89 -0.64 -3.90
CA TRP A 5 -0.07 -1.25 -2.79
C TRP A 5 0.71 -0.17 -2.01
N LEU A 6 1.52 0.57 -2.71
CA LEU A 6 2.32 1.65 -2.07
C LEU A 6 1.56 2.31 -0.92
N ALA A 7 0.32 2.68 -1.12
CA ALA A 7 -0.46 3.35 -0.04
C ALA A 7 -1.21 2.35 0.84
N HIS A 8 -0.79 1.11 0.90
CA HIS A 8 -1.51 0.11 1.74
C HIS A 8 -0.52 -0.66 2.62
N LYS A 9 0.27 -1.52 2.04
CA LYS A 9 1.25 -2.30 2.86
C LYS A 9 0.58 -2.79 4.14
N ALA A 10 1.31 -2.77 5.22
CA ALA A 10 0.73 -3.24 6.51
C ALA A 10 0.06 -2.07 7.24
N LEU A 11 -0.57 -1.19 6.51
CA LEU A 11 -1.25 -0.04 7.16
C LEU A 11 -2.56 0.30 6.43
N ALA A 12 -3.38 1.13 7.01
CA ALA A 12 -4.66 1.50 6.35
C ALA A 12 -4.52 2.83 5.61
N ILE A 2 0.90 -3.36 -9.03
CA ILE A 2 0.75 -2.78 -7.67
C ILE A 2 0.04 -1.42 -7.77
N ASP A 3 0.76 -0.41 -8.16
CA ASP A 3 0.16 0.94 -8.28
C ASP A 3 -0.38 1.40 -6.92
N TYR A 4 -1.44 0.81 -6.46
CA TYR A 4 -2.01 1.23 -5.15
C TYR A 4 -1.17 0.71 -3.98
N TRP A 5 -0.95 -0.60 -3.89
CA TRP A 5 -0.14 -1.21 -2.76
C TRP A 5 0.66 -0.14 -2.01
N LEU A 6 1.48 0.58 -2.72
CA LEU A 6 2.31 1.64 -2.09
C LEU A 6 1.54 2.35 -0.97
N ALA A 7 0.29 2.66 -1.18
CA ALA A 7 -0.48 3.37 -0.12
C ALA A 7 -1.20 2.38 0.82
N HIS A 8 -0.75 1.15 0.87
CA HIS A 8 -1.43 0.16 1.77
C HIS A 8 -0.38 -0.66 2.54
N LYS A 9 0.73 -0.94 1.91
CA LYS A 9 1.79 -1.74 2.62
C LYS A 9 2.71 -0.81 3.40
N ALA A 10 2.25 0.38 3.69
CA ALA A 10 3.09 1.33 4.45
C ALA A 10 2.85 1.17 5.96
N LEU A 11 1.68 1.51 6.42
CA LEU A 11 1.36 1.37 7.86
C LEU A 11 1.35 -0.11 8.27
N ALA A 12 2.49 -0.67 8.55
CA ALA A 12 2.53 -2.11 8.96
C ALA A 12 3.90 -2.45 9.55
N ILE A 2 0.83 -3.44 -8.96
CA ILE A 2 0.74 -2.81 -7.61
C ILE A 2 0.00 -1.47 -7.73
N ASP A 3 0.70 -0.45 -8.13
CA ASP A 3 0.07 0.89 -8.26
C ASP A 3 -0.43 1.36 -6.89
N TYR A 4 -1.46 0.75 -6.39
CA TYR A 4 -2.00 1.17 -5.07
C TYR A 4 -1.11 0.69 -3.91
N TRP A 5 -0.84 -0.60 -3.83
CA TRP A 5 0.01 -1.17 -2.71
C TRP A 5 0.78 -0.07 -1.98
N LEU A 6 1.53 0.71 -2.72
CA LEU A 6 2.33 1.81 -2.13
C LEU A 6 1.58 2.46 -0.94
N ALA A 7 0.36 2.84 -1.12
CA ALA A 7 -0.40 3.50 0.00
C ALA A 7 -1.16 2.46 0.84
N HIS A 8 -0.79 1.21 0.76
CA HIS A 8 -1.51 0.16 1.55
C HIS A 8 -0.51 -0.66 2.38
N LYS A 9 0.75 -0.34 2.29
CA LYS A 9 1.76 -1.10 3.08
C LYS A 9 1.94 -0.49 4.47
N ALA A 10 0.96 0.23 4.92
CA ALA A 10 1.05 0.86 6.26
C ALA A 10 0.49 -0.09 7.33
N LEU A 11 -0.77 -0.40 7.26
CA LEU A 11 -1.37 -1.31 8.27
C LEU A 11 -1.33 -2.76 7.76
N ALA A 12 -1.82 -3.00 6.57
CA ALA A 12 -1.80 -4.39 6.02
C ALA A 12 -0.64 -4.54 5.04
N ILE A 2 0.73 -3.41 -8.90
CA ILE A 2 0.71 -2.80 -7.55
C ILE A 2 -0.06 -1.47 -7.60
N ASP A 3 0.59 -0.42 -8.01
CA ASP A 3 -0.06 0.91 -8.07
C ASP A 3 -0.52 1.34 -6.67
N TYR A 4 -1.50 0.68 -6.13
CA TYR A 4 -1.99 1.06 -4.78
C TYR A 4 -1.05 0.58 -3.66
N TRP A 5 -0.67 -0.69 -3.64
CA TRP A 5 0.25 -1.22 -2.57
C TRP A 5 1.01 -0.09 -1.87
N LEU A 6 1.66 0.73 -2.64
CA LEU A 6 2.43 1.86 -2.07
C LEU A 6 1.64 2.54 -0.94
N ALA A 7 0.41 2.91 -1.20
CA ALA A 7 -0.40 3.59 -0.14
C ALA A 7 -1.18 2.57 0.71
N HIS A 8 -1.05 1.31 0.41
CA HIS A 8 -1.80 0.29 1.19
C HIS A 8 -0.82 -0.69 1.85
N LYS A 9 0.07 -0.19 2.66
CA LYS A 9 1.05 -1.09 3.34
C LYS A 9 0.72 -1.20 4.82
N ALA A 10 1.72 -1.33 5.66
CA ALA A 10 1.46 -1.44 7.12
C ALA A 10 0.41 -0.42 7.55
N LEU A 11 0.29 0.66 6.83
CA LEU A 11 -0.71 1.70 7.20
C LEU A 11 -2.13 1.12 7.10
N ALA A 12 -2.48 0.56 5.98
CA ALA A 12 -3.85 -0.02 5.82
C ALA A 12 -3.78 -1.26 4.93
N ILE A 2 0.75 -3.41 -8.95
CA ILE A 2 0.71 -2.79 -7.60
C ILE A 2 -0.05 -1.47 -7.66
N ASP A 3 0.61 -0.41 -8.05
CA ASP A 3 -0.05 0.92 -8.12
C ASP A 3 -0.51 1.35 -6.73
N TYR A 4 -1.49 0.68 -6.20
CA TYR A 4 -2.00 1.05 -4.85
C TYR A 4 -1.05 0.59 -3.72
N TRP A 5 -0.70 -0.69 -3.67
CA TRP A 5 0.22 -1.22 -2.60
C TRP A 5 0.96 -0.08 -1.90
N LEU A 6 1.66 0.71 -2.66
CA LEU A 6 2.43 1.85 -2.08
C LEU A 6 1.64 2.53 -0.94
N ALA A 7 0.41 2.90 -1.18
CA ALA A 7 -0.39 3.57 -0.12
C ALA A 7 -1.16 2.55 0.72
N HIS A 8 -0.97 1.28 0.47
CA HIS A 8 -1.72 0.25 1.27
C HIS A 8 -0.73 -0.68 1.98
N LYS A 9 0.43 -0.18 2.33
CA LYS A 9 1.43 -1.03 3.02
C LYS A 9 1.30 -0.84 4.54
N ALA A 10 2.40 -0.90 5.24
CA ALA A 10 2.35 -0.73 6.73
C ALA A 10 2.23 0.75 7.09
N LEU A 11 1.20 1.40 6.63
CA LEU A 11 1.03 2.85 6.95
C LEU A 11 -0.19 3.05 7.84
N ALA A 12 -1.23 2.30 7.62
CA ALA A 12 -2.46 2.46 8.46
C ALA A 12 -2.87 1.10 9.04
N ILE A 2 0.79 -3.23 -9.07
CA ILE A 2 0.75 -2.68 -7.69
C ILE A 2 -0.04 -1.37 -7.68
N ASP A 3 0.60 -0.30 -8.06
CA ASP A 3 -0.08 1.03 -8.08
C ASP A 3 -0.53 1.40 -6.65
N TYR A 4 -1.51 0.71 -6.15
CA TYR A 4 -2.00 1.02 -4.78
C TYR A 4 -1.05 0.49 -3.69
N TRP A 5 -0.67 -0.77 -3.73
CA TRP A 5 0.25 -1.35 -2.68
C TRP A 5 1.02 -0.25 -1.95
N LEU A 6 1.67 0.60 -2.69
CA LEU A 6 2.44 1.72 -2.09
C LEU A 6 1.64 2.41 -0.98
N ALA A 7 0.42 2.77 -1.25
CA ALA A 7 -0.41 3.47 -0.22
C ALA A 7 -1.20 2.47 0.63
N HIS A 8 -1.08 1.19 0.34
CA HIS A 8 -1.86 0.19 1.12
C HIS A 8 -0.92 -0.77 1.86
N LYS A 9 -0.32 -1.69 1.16
CA LYS A 9 0.60 -2.65 1.83
C LYS A 9 -0.12 -3.34 2.99
N ALA A 10 0.45 -4.40 3.50
CA ALA A 10 -0.20 -5.12 4.63
C ALA A 10 -0.58 -4.13 5.74
N LEU A 11 -1.77 -3.60 5.70
CA LEU A 11 -2.20 -2.63 6.75
C LEU A 11 -3.48 -3.11 7.43
N ALA A 12 -3.41 -3.42 8.69
CA ALA A 12 -4.63 -3.90 9.41
C ALA A 12 -5.32 -5.02 8.61
N ILE A 2 0.81 -3.39 -8.97
CA ILE A 2 0.75 -2.78 -7.61
C ILE A 2 -0.02 -1.46 -7.67
N ASP A 3 0.63 -0.41 -8.09
CA ASP A 3 -0.03 0.92 -8.17
C ASP A 3 -0.50 1.36 -6.79
N TYR A 4 -1.50 0.72 -6.26
CA TYR A 4 -2.01 1.11 -4.92
C TYR A 4 -1.08 0.62 -3.79
N TRP A 5 -0.74 -0.66 -3.75
CA TRP A 5 0.16 -1.21 -2.67
C TRP A 5 0.92 -0.09 -1.96
N LEU A 6 1.62 0.71 -2.72
CA LEU A 6 2.40 1.84 -2.13
C LEU A 6 1.64 2.48 -0.95
N ALA A 7 0.40 2.87 -1.16
CA ALA A 7 -0.37 3.50 -0.05
C ALA A 7 -1.15 2.46 0.77
N HIS A 8 -0.94 1.20 0.49
CA HIS A 8 -1.69 0.16 1.25
C HIS A 8 -0.72 -0.80 1.95
N LYS A 9 0.41 -1.06 1.35
CA LYS A 9 1.39 -1.99 1.98
C LYS A 9 2.32 -1.21 2.91
N ALA A 10 1.88 -0.08 3.40
CA ALA A 10 2.75 0.72 4.32
C ALA A 10 2.50 0.29 5.76
N LEU A 11 1.47 -0.48 6.00
CA LEU A 11 1.18 -0.92 7.39
C LEU A 11 1.24 -2.45 7.47
N ALA A 12 0.81 -3.13 6.44
CA ALA A 12 0.84 -4.61 6.46
C ALA A 12 1.14 -5.16 5.06
N ILE A 2 0.99 -3.20 -9.24
CA ILE A 2 0.91 -2.65 -7.87
C ILE A 2 0.06 -1.37 -7.87
N ASP A 3 0.66 -0.28 -8.27
CA ASP A 3 -0.08 1.02 -8.29
C ASP A 3 -0.55 1.38 -6.89
N TYR A 4 -1.52 0.68 -6.38
CA TYR A 4 -2.05 1.00 -5.02
C TYR A 4 -1.11 0.51 -3.91
N TRP A 5 -0.61 -0.71 -3.99
CA TRP A 5 0.31 -1.24 -2.92
C TRP A 5 1.06 -0.09 -2.22
N LEU A 6 1.55 0.84 -3.00
CA LEU A 6 2.29 1.99 -2.43
C LEU A 6 1.64 2.42 -1.10
N ALA A 7 0.35 2.63 -1.10
CA ALA A 7 -0.33 3.03 0.16
C ALA A 7 -0.80 1.77 0.90
N HIS A 8 -2.03 1.75 1.36
CA HIS A 8 -2.56 0.55 2.09
C HIS A 8 -1.47 -0.09 2.98
N LYS A 9 -0.67 -0.99 2.46
CA LYS A 9 0.38 -1.63 3.30
C LYS A 9 -0.20 -2.07 4.64
N ALA A 10 0.45 -1.73 5.72
CA ALA A 10 -0.05 -2.14 7.06
C ALA A 10 -1.58 -2.04 7.14
N LEU A 11 -2.18 -1.18 6.37
CA LEU A 11 -3.67 -1.03 6.42
C LEU A 11 -4.33 -2.41 6.50
N ALA A 12 -4.09 -3.25 5.54
CA ALA A 12 -4.70 -4.61 5.57
C ALA A 12 -6.20 -4.51 5.92
N ILE A 2 0.77 -3.46 -9.00
CA ILE A 2 0.70 -2.82 -7.65
C ILE A 2 -0.02 -1.47 -7.77
N ASP A 3 0.71 -0.46 -8.14
CA ASP A 3 0.10 0.90 -8.25
C ASP A 3 -0.40 1.36 -6.89
N TYR A 4 -1.44 0.75 -6.39
CA TYR A 4 -1.99 1.17 -5.07
C TYR A 4 -1.11 0.68 -3.90
N TRP A 5 -0.82 -0.61 -3.82
CA TRP A 5 0.03 -1.18 -2.70
C TRP A 5 0.80 -0.08 -1.98
N LEU A 6 1.53 0.71 -2.71
CA LEU A 6 2.32 1.82 -2.11
C LEU A 6 1.58 2.46 -0.92
N ALA A 7 0.34 2.83 -1.11
CA ALA A 7 -0.42 3.47 0.01
C ALA A 7 -1.17 2.42 0.85
N HIS A 8 -0.83 1.17 0.71
CA HIS A 8 -1.54 0.11 1.48
C HIS A 8 -0.53 -0.75 2.24
N LYS A 9 0.64 -0.92 1.69
CA LYS A 9 1.67 -1.76 2.39
C LYS A 9 2.49 -0.89 3.34
N ALA A 10 1.97 0.24 3.71
CA ALA A 10 2.71 1.13 4.65
C ALA A 10 2.33 0.80 6.09
N LEU A 11 1.16 0.24 6.29
CA LEU A 11 0.71 -0.12 7.67
C LEU A 11 1.02 -1.59 7.95
N ALA A 12 1.58 -2.28 7.00
CA ALA A 12 1.90 -3.73 7.21
C ALA A 12 0.61 -4.54 7.40
N ILE A 2 0.94 -3.38 -8.95
CA ILE A 2 0.75 -2.80 -7.60
C ILE A 2 0.07 -1.43 -7.72
N ASP A 3 0.83 -0.44 -8.07
CA ASP A 3 0.27 0.94 -8.21
C ASP A 3 -0.32 1.41 -6.89
N TYR A 4 -1.42 0.84 -6.48
CA TYR A 4 -2.02 1.27 -5.19
C TYR A 4 -1.23 0.74 -4.01
N TRP A 5 -1.02 -0.58 -3.92
CA TRP A 5 -0.25 -1.18 -2.77
C TRP A 5 0.60 -0.13 -2.05
N LEU A 6 1.35 0.61 -2.81
CA LEU A 6 2.22 1.68 -2.25
C LEU A 6 1.52 2.34 -1.04
N ALA A 7 0.28 2.71 -1.17
CA ALA A 7 -0.44 3.37 -0.04
C ALA A 7 -1.16 2.34 0.87
N HIS A 8 -0.75 1.11 0.87
CA HIS A 8 -1.43 0.10 1.73
C HIS A 8 -0.39 -0.75 2.48
N LYS A 9 0.55 -1.31 1.76
CA LYS A 9 1.59 -2.13 2.42
C LYS A 9 2.30 -1.34 3.52
N ALA A 10 3.44 -1.79 3.95
CA ALA A 10 4.18 -1.07 5.03
C ALA A 10 4.12 0.45 4.78
N LEU A 11 4.81 0.91 3.78
CA LEU A 11 4.80 2.38 3.49
C LEU A 11 5.25 3.17 4.71
N ALA A 12 4.36 3.42 5.63
CA ALA A 12 4.74 4.19 6.85
C ALA A 12 5.74 3.39 7.69
N ILE A 2 0.87 -3.35 -9.08
CA ILE A 2 0.73 -2.78 -7.72
C ILE A 2 0.05 -1.41 -7.81
N ASP A 3 0.81 -0.40 -8.15
CA ASP A 3 0.24 0.97 -8.26
C ASP A 3 -0.32 1.42 -6.91
N TYR A 4 -1.39 0.84 -6.48
CA TYR A 4 -1.98 1.26 -5.18
C TYR A 4 -1.18 0.70 -4.00
N TRP A 5 -0.99 -0.61 -3.92
CA TRP A 5 -0.22 -1.25 -2.79
C TRP A 5 0.59 -0.22 -2.00
N LEU A 6 1.42 0.51 -2.69
CA LEU A 6 2.26 1.55 -2.02
C LEU A 6 1.50 2.25 -0.88
N ALA A 7 0.27 2.62 -1.11
CA ALA A 7 -0.50 3.32 -0.03
C ALA A 7 -1.28 2.32 0.85
N HIS A 8 -0.85 1.10 0.93
CA HIS A 8 -1.57 0.11 1.79
C HIS A 8 -0.57 -0.68 2.64
N LYS A 9 -0.73 -1.98 2.73
CA LYS A 9 0.22 -2.79 3.54
C LYS A 9 0.13 -2.39 5.02
N ALA A 10 0.88 -3.05 5.85
CA ALA A 10 0.84 -2.72 7.31
C ALA A 10 1.28 -1.26 7.52
N LEU A 11 0.40 -0.35 7.27
CA LEU A 11 0.75 1.09 7.45
C LEU A 11 -0.26 1.77 8.39
N ALA A 12 -1.51 1.82 7.99
CA ALA A 12 -2.53 2.46 8.86
C ALA A 12 -2.18 3.93 9.12
N ILE A 2 0.78 -3.35 -9.03
CA ILE A 2 0.72 -2.76 -7.67
C ILE A 2 -0.01 -1.41 -7.73
N ASP A 3 0.68 -0.38 -8.10
CA ASP A 3 0.05 0.96 -8.16
C ASP A 3 -0.45 1.39 -6.79
N TYR A 4 -1.46 0.75 -6.29
CA TYR A 4 -1.99 1.12 -4.96
C TYR A 4 -1.09 0.60 -3.82
N TRP A 5 -0.79 -0.69 -3.77
CA TRP A 5 0.08 -1.27 -2.69
C TRP A 5 0.84 -0.17 -1.93
N LEU A 6 1.58 0.61 -2.65
CA LEU A 6 2.37 1.71 -2.03
C LEU A 6 1.59 2.36 -0.88
N ALA A 7 0.38 2.78 -1.12
CA ALA A 7 -0.42 3.43 -0.03
C ALA A 7 -1.23 2.40 0.76
N HIS A 8 -1.02 1.14 0.52
CA HIS A 8 -1.80 0.10 1.25
C HIS A 8 -0.85 -0.83 2.01
N LYS A 9 -0.83 -2.11 1.69
CA LYS A 9 0.06 -3.04 2.41
C LYS A 9 -0.32 -3.12 3.89
N ALA A 10 0.64 -3.22 4.74
CA ALA A 10 0.34 -3.30 6.20
C ALA A 10 -0.21 -1.96 6.70
N LEU A 11 -0.13 -0.94 5.89
CA LEU A 11 -0.66 0.40 6.32
C LEU A 11 -2.09 0.59 5.82
N ALA A 12 -2.78 1.56 6.35
CA ALA A 12 -4.19 1.79 5.91
C ALA A 12 -4.83 2.90 6.76
N ILE A 2 0.72 -3.24 -9.22
CA ILE A 2 0.70 -2.69 -7.83
C ILE A 2 -0.04 -1.35 -7.82
N ASP A 3 0.66 -0.29 -8.12
CA ASP A 3 0.02 1.06 -8.11
C ASP A 3 -0.46 1.40 -6.70
N TYR A 4 -1.45 0.71 -6.23
CA TYR A 4 -1.97 0.99 -4.86
C TYR A 4 -1.06 0.46 -3.75
N TRP A 5 -0.68 -0.81 -3.80
CA TRP A 5 0.21 -1.40 -2.73
C TRP A 5 0.97 -0.32 -1.95
N LEU A 6 1.62 0.56 -2.66
CA LEU A 6 2.40 1.66 -2.00
C LEU A 6 1.57 2.35 -0.91
N ALA A 7 0.36 2.73 -1.19
CA ALA A 7 -0.46 3.45 -0.16
C ALA A 7 -1.26 2.46 0.69
N HIS A 8 -1.05 1.18 0.51
CA HIS A 8 -1.83 0.20 1.30
C HIS A 8 -0.89 -0.66 2.17
N LYS A 9 -0.68 -1.91 1.82
CA LYS A 9 0.22 -2.77 2.63
C LYS A 9 -0.30 -2.85 4.07
N ALA A 10 0.59 -2.89 5.01
CA ALA A 10 0.17 -2.96 6.44
C ALA A 10 0.00 -1.55 7.01
N LEU A 11 -0.90 -1.39 7.95
CA LEU A 11 -1.12 -0.04 8.55
C LEU A 11 -2.18 -0.12 9.65
N ALA A 12 -2.17 -1.16 10.42
CA ALA A 12 -3.18 -1.29 11.51
C ALA A 12 -4.57 -0.86 11.02
N ILE A 2 0.78 -3.40 -8.85
CA ILE A 2 0.74 -2.80 -7.49
C ILE A 2 -0.04 -1.48 -7.54
N ASP A 3 0.59 -0.44 -8.01
CA ASP A 3 -0.08 0.88 -8.08
C ASP A 3 -0.53 1.34 -6.69
N TYR A 4 -1.52 0.71 -6.14
CA TYR A 4 -2.01 1.10 -4.80
C TYR A 4 -1.06 0.62 -3.68
N TRP A 5 -0.71 -0.65 -3.65
CA TRP A 5 0.20 -1.20 -2.57
C TRP A 5 0.97 -0.07 -1.88
N LEU A 6 1.65 0.73 -2.65
CA LEU A 6 2.42 1.86 -2.09
C LEU A 6 1.66 2.53 -0.95
N ALA A 7 0.42 2.91 -1.18
CA ALA A 7 -0.37 3.59 -0.11
C ALA A 7 -1.15 2.55 0.71
N HIS A 8 -1.03 1.29 0.40
CA HIS A 8 -1.79 0.27 1.17
C HIS A 8 -0.82 -0.73 1.82
N LYS A 9 0.05 -0.25 2.67
CA LYS A 9 1.01 -1.16 3.34
C LYS A 9 0.76 -1.17 4.86
N ALA A 10 1.73 -1.57 5.62
CA ALA A 10 1.54 -1.61 7.10
C ALA A 10 1.52 -0.18 7.67
N LEU A 11 0.54 0.60 7.27
CA LEU A 11 0.45 1.99 7.78
C LEU A 11 -1.01 2.42 7.92
N ALA A 12 -1.67 1.99 8.96
CA ALA A 12 -3.10 2.37 9.14
C ALA A 12 -3.96 1.75 8.04
N ILE A 2 0.74 -3.43 -9.04
CA ILE A 2 0.67 -2.82 -7.69
C ILE A 2 -0.01 -1.45 -7.77
N ASP A 3 0.74 -0.43 -8.11
CA ASP A 3 0.17 0.94 -8.20
C ASP A 3 -0.35 1.38 -6.83
N TYR A 4 -1.40 0.77 -6.37
CA TYR A 4 -1.97 1.16 -5.05
C TYR A 4 -1.12 0.65 -3.87
N TRP A 5 -0.85 -0.64 -3.82
CA TRP A 5 -0.04 -1.23 -2.69
C TRP A 5 0.74 -0.16 -1.92
N LEU A 6 1.51 0.61 -2.63
CA LEU A 6 2.31 1.70 -1.99
C LEU A 6 1.53 2.36 -0.84
N ALA A 7 0.32 2.76 -1.06
CA ALA A 7 -0.47 3.42 0.03
C ALA A 7 -1.26 2.39 0.84
N HIS A 8 -0.98 1.13 0.66
CA HIS A 8 -1.74 0.09 1.41
C HIS A 8 -0.78 -0.82 2.18
N LYS A 9 -1.11 -2.07 2.32
CA LYS A 9 -0.21 -2.99 3.07
C LYS A 9 0.00 -2.48 4.49
N ALA A 10 1.19 -2.59 5.00
CA ALA A 10 1.48 -2.11 6.37
C ALA A 10 1.35 -0.58 6.42
N LEU A 11 0.49 -0.09 7.26
CA LEU A 11 0.33 1.40 7.35
C LEU A 11 -0.47 1.78 8.60
N ALA A 12 -0.63 3.04 8.85
CA ALA A 12 -1.39 3.47 10.07
C ALA A 12 -2.44 4.52 9.69
N ILE A 2 0.86 -3.37 -9.04
CA ILE A 2 0.75 -2.77 -7.69
C ILE A 2 0.02 -1.43 -7.78
N ASP A 3 0.73 -0.41 -8.17
CA ASP A 3 0.11 0.94 -8.27
C ASP A 3 -0.41 1.39 -6.91
N TYR A 4 -1.46 0.77 -6.43
CA TYR A 4 -2.01 1.18 -5.11
C TYR A 4 -1.13 0.67 -3.95
N TRP A 5 -0.88 -0.63 -3.87
CA TRP A 5 -0.05 -1.21 -2.76
C TRP A 5 0.73 -0.14 -2.00
N LEU A 6 1.52 0.62 -2.72
CA LEU A 6 2.33 1.70 -2.10
C LEU A 6 1.57 2.38 -0.95
N ALA A 7 0.33 2.74 -1.15
CA ALA A 7 -0.43 3.42 -0.05
C ALA A 7 -1.18 2.40 0.82
N HIS A 8 -0.79 1.15 0.79
CA HIS A 8 -1.49 0.13 1.63
C HIS A 8 -0.48 -0.67 2.45
N LYS A 9 0.64 -1.01 1.86
CA LYS A 9 1.67 -1.80 2.59
C LYS A 9 2.20 -0.98 3.76
N ALA A 10 3.47 -1.13 4.06
CA ALA A 10 4.06 -0.36 5.20
C ALA A 10 3.56 1.09 5.18
N LEU A 11 3.65 1.75 4.06
CA LEU A 11 3.19 3.15 3.99
C LEU A 11 1.79 3.28 4.62
N ALA A 12 1.73 3.66 5.87
CA ALA A 12 0.41 3.80 6.54
C ALA A 12 0.19 5.24 6.99
N ILE A 2 0.76 -3.39 -9.07
CA ILE A 2 0.69 -2.77 -7.72
C ILE A 2 -0.02 -1.42 -7.79
N ASP A 3 0.71 -0.39 -8.12
CA ASP A 3 0.11 0.97 -8.20
C ASP A 3 -0.41 1.39 -6.83
N TYR A 4 -1.43 0.75 -6.35
CA TYR A 4 -1.98 1.12 -5.02
C TYR A 4 -1.11 0.61 -3.86
N TRP A 5 -0.82 -0.67 -3.81
CA TRP A 5 0.03 -1.26 -2.70
C TRP A 5 0.79 -0.17 -1.93
N LEU A 6 1.56 0.60 -2.64
CA LEU A 6 2.34 1.70 -2.01
C LEU A 6 1.57 2.36 -0.86
N ALA A 7 0.34 2.76 -1.09
CA ALA A 7 -0.44 3.42 -0.01
C ALA A 7 -1.24 2.38 0.80
N HIS A 8 -0.96 1.12 0.61
CA HIS A 8 -1.72 0.08 1.35
C HIS A 8 -0.75 -0.80 2.17
N LYS A 9 -0.68 -2.08 1.86
CA LYS A 9 0.25 -2.96 2.63
C LYS A 9 -0.12 -2.96 4.11
N ALA A 10 0.33 -3.94 4.85
CA ALA A 10 0.01 -4.00 6.31
C ALA A 10 0.22 -2.63 6.95
N LEU A 11 -0.82 -1.85 7.06
CA LEU A 11 -0.67 -0.50 7.68
C LEU A 11 -1.81 -0.24 8.68
N ALA A 12 -1.51 -0.24 9.96
CA ALA A 12 -2.58 -0.01 10.97
C ALA A 12 -2.04 0.82 12.13
N ILE A 2 0.79 -3.43 -8.94
CA ILE A 2 0.73 -2.79 -7.59
C ILE A 2 -0.03 -1.47 -7.67
N ASP A 3 0.64 -0.43 -8.09
CA ASP A 3 -0.02 0.90 -8.18
C ASP A 3 -0.48 1.35 -6.80
N TYR A 4 -1.49 0.71 -6.28
CA TYR A 4 -2.01 1.11 -4.93
C TYR A 4 -1.09 0.63 -3.80
N TRP A 5 -0.76 -0.65 -3.74
CA TRP A 5 0.13 -1.20 -2.65
C TRP A 5 0.89 -0.06 -1.93
N LEU A 6 1.61 0.72 -2.69
CA LEU A 6 2.39 1.85 -2.11
C LEU A 6 1.62 2.50 -0.95
N ALA A 7 0.40 2.88 -1.16
CA ALA A 7 -0.38 3.54 -0.06
C ALA A 7 -1.15 2.50 0.77
N HIS A 8 -0.91 1.24 0.55
CA HIS A 8 -1.64 0.20 1.33
C HIS A 8 -0.64 -0.71 2.06
N LYS A 9 0.61 -0.37 2.03
CA LYS A 9 1.62 -1.22 2.74
C LYS A 9 1.75 -0.78 4.19
N ALA A 10 2.85 -1.11 4.82
CA ALA A 10 3.03 -0.71 6.25
C ALA A 10 2.92 0.81 6.40
N LEU A 11 1.82 1.29 6.91
CA LEU A 11 1.65 2.76 7.07
C LEU A 11 0.32 3.06 7.76
N ALA A 12 0.35 3.82 8.82
CA ALA A 12 -0.92 4.15 9.54
C ALA A 12 -1.00 5.66 9.80
N ILE A 2 0.82 -3.35 -9.10
CA ILE A 2 0.72 -2.77 -7.74
C ILE A 2 0.01 -1.41 -7.79
N ASP A 3 0.72 -0.39 -8.16
CA ASP A 3 0.12 0.97 -8.24
C ASP A 3 -0.41 1.39 -6.86
N TYR A 4 -1.44 0.75 -6.39
CA TYR A 4 -2.00 1.14 -5.08
C TYR A 4 -1.12 0.62 -3.92
N TRP A 5 -0.84 -0.66 -3.85
CA TRP A 5 0.00 -1.25 -2.75
C TRP A 5 0.77 -0.16 -2.00
N LEU A 6 1.54 0.61 -2.71
CA LEU A 6 2.32 1.71 -2.10
C LEU A 6 1.57 2.37 -0.92
N ALA A 7 0.34 2.75 -1.12
CA ALA A 7 -0.42 3.41 -0.03
C ALA A 7 -1.20 2.38 0.82
N HIS A 8 -0.85 1.12 0.73
CA HIS A 8 -1.60 0.10 1.53
C HIS A 8 -0.61 -0.74 2.36
N LYS A 9 0.13 -1.61 1.72
CA LYS A 9 1.09 -2.45 2.47
C LYS A 9 0.44 -2.98 3.76
N ALA A 10 1.24 -3.33 4.72
CA ALA A 10 0.68 -3.86 6.00
C ALA A 10 0.44 -2.70 6.98
N LEU A 11 -0.31 -1.72 6.58
CA LEU A 11 -0.58 -0.57 7.48
C LEU A 11 -2.04 -0.54 7.90
N ALA A 12 -2.39 0.30 8.83
CA ALA A 12 -3.81 0.38 9.28
C ALA A 12 -4.28 -0.98 9.80
#